data_6RWF
#
_entry.id   6RWF
#
_cell.length_a   55.363
_cell.length_b   51.632
_cell.length_c   65.590
_cell.angle_alpha   90.000
_cell.angle_beta   96.310
_cell.angle_gamma   90.000
#
_symmetry.space_group_name_H-M   'P 1 21 1'
#
loop_
_entity.id
_entity.type
_entity.pdbx_description
1 polymer Glucanase
2 non-polymer 'COBALT (II) ION'
3 non-polymer 2-acetamido-2-deoxy-beta-D-glucopyranose
4 water water
#
_entity_poly.entity_id   1
_entity_poly.type   'polypeptide(L)'
_entity_poly.pdbx_seq_one_letter_code
;(PCA)SACTLQSETHPPLTWQKCSSGGTCTQQTGSVVIDANWRWTHATNSSTNCYDGNTWSSTLCPDNETCAKNCCLDGA
AYASTYGVTTSGNSLSIGFVTQSAQKNVGARLYLMASDTTYQEFTLLGNEFSFDVDVSQLPCGLNGALYFVSMDADGGVS
KYPTNTAGAKYGTGYCDSQCPRDLKFINGQANVEGWEPSSNNANTGIGGHGSCCSEMDIWEANSISEALTPHPCTTVGQE
ICEGDGCGGCYSDNRYGGTCDPDGCDWNPYRLGNTSFYGPGSSFTLDTTKKLTVVTQFETSGAINRYYVQNGVTFQQPNA
ELGSYSGNELNDDYCTAEEAEFGGSSFSDKGGLTQFKKATSGGMVLVMSLWDDYCANMLWLDSTYPTNETSSTPGAVRGS
CSTSSGVPAQVESQSPNAKVTFSNIKFGPIGSTGNP
;
_entity_poly.pdbx_strand_id   A
#
loop_
_chem_comp.id
_chem_comp.type
_chem_comp.name
_chem_comp.formula
CO non-polymer 'COBALT (II) ION' 'Co 2'
NAG D-saccharide, beta linking 2-acetamido-2-deoxy-beta-D-glucopyranose 'C8 H15 N O6'
#
# COMPACT_ATOMS: atom_id res chain seq x y z
N PCA A 1 21.63 -1.11 5.76
CA PCA A 1 22.29 -1.10 4.47
CB PCA A 1 21.12 -1.43 3.50
CG PCA A 1 19.94 -0.88 4.21
CD PCA A 1 20.31 -0.92 5.66
OE PCA A 1 19.52 -0.81 6.59
C PCA A 1 22.89 0.27 4.14
O PCA A 1 22.37 1.32 4.51
N SER A 2 24.00 0.25 3.41
CA SER A 2 24.50 1.45 2.79
C SER A 2 24.01 1.54 1.33
N ALA A 3 24.35 2.65 0.69
CA ALA A 3 24.00 2.90 -0.72
C ALA A 3 25.26 2.76 -1.56
N CYS A 4 25.10 2.14 -2.68
CA CYS A 4 26.15 2.03 -3.72
C CYS A 4 25.67 2.72 -4.98
N THR A 5 26.63 3.00 -5.87
CA THR A 5 26.41 3.87 -7.04
C THR A 5 26.84 3.20 -8.34
N LEU A 6 26.73 1.88 -8.44
CA LEU A 6 26.97 1.18 -9.73
C LEU A 6 25.83 1.48 -10.71
N GLN A 7 24.65 1.78 -10.19
CA GLN A 7 23.46 2.11 -11.02
C GLN A 7 22.93 3.46 -10.53
N SER A 8 22.69 4.37 -11.45
CA SER A 8 22.33 5.74 -11.08
C SER A 8 20.91 5.75 -10.46
N GLU A 9 20.72 6.54 -9.40
CA GLU A 9 19.39 6.73 -8.78
C GLU A 9 18.90 8.16 -8.96
N THR A 10 17.79 8.33 -9.64
CA THR A 10 17.03 9.60 -9.71
C THR A 10 15.56 9.28 -9.50
N HIS A 11 14.91 9.99 -8.60
CA HIS A 11 13.49 9.76 -8.27
C HIS A 11 12.65 10.39 -9.37
N PRO A 12 11.78 9.65 -10.09
CA PRO A 12 10.95 10.28 -11.10
C PRO A 12 10.12 11.41 -10.50
N PRO A 13 10.04 12.55 -11.19
CA PRO A 13 9.31 13.71 -10.67
C PRO A 13 7.80 13.49 -10.71
N LEU A 14 7.09 14.15 -9.82
CA LEU A 14 5.64 14.05 -9.80
C LEU A 14 5.12 15.30 -9.11
N THR A 15 4.27 16.07 -9.77
CA THR A 15 3.67 17.25 -9.14
C THR A 15 2.41 16.85 -8.40
N TRP A 16 2.11 17.62 -7.39
CA TRP A 16 0.85 17.49 -6.62
C TRP A 16 0.45 18.87 -6.14
N GLN A 17 -0.75 18.97 -5.59
CA GLN A 17 -1.26 20.28 -5.14
C GLN A 17 -1.57 20.25 -3.63
N LYS A 18 -1.18 21.35 -3.00
CA LYS A 18 -1.58 21.65 -1.62
C LYS A 18 -2.65 22.73 -1.66
N CYS A 19 -3.77 22.49 -1.01
CA CYS A 19 -4.91 23.42 -1.12
C CYS A 19 -5.18 24.10 0.22
N SER A 20 -5.72 25.31 0.14
CA SER A 20 -6.00 26.15 1.34
CA SER A 20 -5.99 26.18 1.32
C SER A 20 -7.51 26.34 1.46
N SER A 21 -7.99 26.52 2.67
N SER A 21 -7.99 26.62 2.66
CA SER A 21 -9.39 26.91 2.91
CA SER A 21 -9.45 26.73 2.89
C SER A 21 -9.58 28.28 2.27
C SER A 21 -9.99 27.91 2.08
N GLY A 22 -10.66 28.48 1.54
N GLY A 22 -9.23 28.99 1.94
CA GLY A 22 -10.95 29.80 0.98
CA GLY A 22 -9.60 30.07 1.01
C GLY A 22 -10.30 29.90 -0.38
C GLY A 22 -9.34 29.64 -0.41
N GLY A 23 -10.15 28.72 -0.99
CA GLY A 23 -10.28 28.54 -2.43
C GLY A 23 -9.00 28.45 -3.25
N THR A 24 -7.79 28.15 -2.76
CA THR A 24 -6.62 28.13 -3.69
C THR A 24 -5.78 26.86 -3.58
N CYS A 25 -5.32 26.30 -4.69
CA CYS A 25 -4.38 25.15 -4.66
C CYS A 25 -3.08 25.55 -5.35
N THR A 26 -1.95 25.18 -4.74
CA THR A 26 -0.58 25.53 -5.17
C THR A 26 0.18 24.26 -5.55
N GLN A 27 0.84 24.29 -6.70
CA GLN A 27 1.67 23.16 -7.18
CA GLN A 27 1.68 23.16 -7.19
C GLN A 27 2.87 22.94 -6.25
N GLN A 28 3.11 21.68 -5.93
CA GLN A 28 4.26 21.18 -5.17
C GLN A 28 5.11 20.31 -6.12
N THR A 29 6.43 20.41 -6.06
CA THR A 29 7.31 19.66 -7.01
C THR A 29 7.86 18.45 -6.24
N GLY A 30 7.14 17.34 -6.31
CA GLY A 30 7.50 16.09 -5.63
C GLY A 30 8.22 15.11 -6.55
N SER A 31 8.36 13.89 -6.09
CA SER A 31 9.08 12.82 -6.85
C SER A 31 8.72 11.53 -6.15
N VAL A 32 9.04 10.40 -6.77
CA VAL A 32 8.71 9.10 -6.14
C VAL A 32 9.98 8.25 -6.08
N VAL A 33 10.06 7.37 -5.11
CA VAL A 33 11.22 6.45 -4.94
C VAL A 33 10.65 5.05 -4.85
N ILE A 34 11.37 4.08 -5.43
CA ILE A 34 10.96 2.64 -5.29
C ILE A 34 11.52 2.07 -3.98
N ASP A 35 10.67 1.27 -3.34
CA ASP A 35 11.03 0.56 -2.11
C ASP A 35 12.33 -0.25 -2.31
N ALA A 36 13.10 -0.33 -1.24
CA ALA A 36 14.42 -0.99 -1.24
C ALA A 36 14.33 -2.47 -1.64
N ASN A 37 13.23 -3.16 -1.36
CA ASN A 37 13.13 -4.61 -1.67
C ASN A 37 13.19 -4.91 -3.16
N TRP A 38 12.90 -3.95 -4.02
CA TRP A 38 12.93 -4.15 -5.48
C TRP A 38 14.36 -4.02 -5.99
N ARG A 39 15.27 -3.43 -5.21
CA ARG A 39 16.60 -3.05 -5.68
C ARG A 39 17.56 -4.22 -5.69
N TRP A 40 18.62 -4.03 -6.45
CA TRP A 40 19.82 -4.88 -6.40
C TRP A 40 20.51 -4.68 -5.06
N THR A 41 20.75 -5.75 -4.33
CA THR A 41 21.51 -5.72 -3.06
C THR A 41 22.82 -6.45 -3.30
N HIS A 42 23.95 -5.77 -3.17
CA HIS A 42 25.28 -6.34 -3.48
C HIS A 42 26.33 -5.88 -2.49
N ALA A 43 27.50 -6.50 -2.58
CA ALA A 43 28.62 -6.19 -1.68
C ALA A 43 29.04 -4.73 -1.83
N THR A 44 29.45 -4.08 -0.75
CA THR A 44 29.84 -2.66 -0.82
C THR A 44 31.01 -2.44 -1.79
N ASN A 45 31.89 -3.42 -1.97
CA ASN A 45 33.13 -3.24 -2.76
C ASN A 45 33.14 -4.14 -4.01
N SER A 46 32.04 -4.76 -4.37
CA SER A 46 31.99 -5.51 -5.63
C SER A 46 30.57 -5.65 -6.13
N SER A 47 30.40 -6.30 -7.28
CA SER A 47 29.06 -6.56 -7.85
CA SER A 47 29.07 -6.55 -7.87
C SER A 47 28.48 -7.87 -7.34
N THR A 48 29.16 -8.55 -6.42
CA THR A 48 28.68 -9.82 -5.86
C THR A 48 27.32 -9.59 -5.18
N ASN A 49 26.33 -10.39 -5.54
N ASN A 49 26.33 -10.40 -5.54
CA ASN A 49 24.97 -10.26 -4.97
CA ASN A 49 24.97 -10.26 -4.97
C ASN A 49 24.99 -10.64 -3.49
C ASN A 49 24.98 -10.65 -3.48
N CYS A 50 24.28 -9.89 -2.65
CA CYS A 50 24.01 -10.32 -1.26
C CYS A 50 22.76 -11.19 -1.29
N TYR A 51 21.94 -11.09 -2.33
CA TYR A 51 20.65 -11.80 -2.42
C TYR A 51 20.50 -12.25 -3.87
N ASP A 52 20.25 -13.53 -4.09
CA ASP A 52 20.12 -14.15 -5.44
C ASP A 52 18.82 -14.94 -5.48
N GLY A 53 17.91 -14.56 -6.36
CA GLY A 53 16.60 -15.21 -6.49
C GLY A 53 15.83 -14.97 -5.19
N ASN A 54 15.75 -15.99 -4.36
CA ASN A 54 15.04 -15.85 -3.06
C ASN A 54 15.96 -16.32 -1.93
N THR A 55 17.29 -16.29 -2.11
CA THR A 55 18.27 -16.87 -1.19
C THR A 55 19.31 -15.83 -0.87
N TRP A 56 19.66 -15.65 0.38
CA TRP A 56 20.76 -14.76 0.77
C TRP A 56 22.11 -15.43 0.56
N SER A 57 23.12 -14.60 0.36
CA SER A 57 24.54 -15.03 0.33
C SER A 57 24.96 -15.45 1.74
N SER A 58 25.20 -16.73 1.99
CA SER A 58 25.67 -17.13 3.33
C SER A 58 27.09 -16.59 3.53
N THR A 59 27.86 -16.32 2.46
CA THR A 59 29.22 -15.77 2.56
C THR A 59 29.19 -14.31 3.06
N LEU A 60 28.36 -13.50 2.44
CA LEU A 60 28.29 -12.05 2.76
C LEU A 60 27.35 -11.82 3.94
N CYS A 61 26.42 -12.75 4.16
CA CYS A 61 25.27 -12.50 5.09
C CYS A 61 25.10 -13.65 6.06
N PRO A 62 26.13 -13.95 6.88
CA PRO A 62 26.03 -15.03 7.87
C PRO A 62 25.08 -14.69 9.04
N ASP A 63 24.81 -13.40 9.22
CA ASP A 63 23.88 -12.90 10.27
C ASP A 63 23.45 -11.48 9.88
N ASN A 64 22.47 -10.95 10.59
CA ASN A 64 21.80 -9.70 10.17
C ASN A 64 22.75 -8.50 10.21
N GLU A 65 23.64 -8.45 11.18
CA GLU A 65 24.54 -7.28 11.35
C GLU A 65 25.68 -7.36 10.33
N THR A 66 26.31 -8.54 10.18
CA THR A 66 27.41 -8.72 9.22
C THR A 66 26.90 -8.37 7.81
N CYS A 67 25.70 -8.84 7.50
CA CYS A 67 25.07 -8.67 6.18
C CYS A 67 24.90 -7.18 5.90
N ALA A 68 24.34 -6.44 6.85
CA ALA A 68 24.15 -5.00 6.60
C ALA A 68 25.50 -4.30 6.45
N LYS A 69 26.50 -4.68 7.22
CA LYS A 69 27.86 -4.09 7.10
C LYS A 69 28.41 -4.34 5.70
N ASN A 70 28.13 -5.52 5.14
CA ASN A 70 28.74 -5.99 3.88
C ASN A 70 27.97 -5.53 2.65
N CYS A 71 26.71 -5.13 2.81
CA CYS A 71 25.80 -5.04 1.66
C CYS A 71 25.26 -3.64 1.49
N CYS A 72 24.96 -3.27 0.24
CA CYS A 72 24.37 -1.96 -0.09
C CYS A 72 23.23 -2.16 -1.09
N LEU A 73 22.39 -1.14 -1.16
CA LEU A 73 21.31 -1.01 -2.14
C LEU A 73 21.82 -0.15 -3.27
N ASP A 74 21.37 -0.44 -4.48
CA ASP A 74 21.82 0.39 -5.63
C ASP A 74 20.62 1.02 -6.34
N GLY A 75 20.92 1.79 -7.37
CA GLY A 75 19.97 2.59 -8.13
C GLY A 75 19.04 1.75 -8.94
N ALA A 76 17.95 2.39 -9.34
CA ALA A 76 16.84 1.71 -10.02
C ALA A 76 16.56 2.34 -11.39
N ALA A 77 16.39 1.52 -12.43
CA ALA A 77 15.93 1.96 -13.77
C ALA A 77 14.41 1.94 -13.78
N TYR A 78 13.81 3.06 -13.39
CA TYR A 78 12.37 3.10 -13.05
C TYR A 78 11.51 2.65 -14.23
N ALA A 79 11.73 3.20 -15.42
CA ALA A 79 10.95 2.85 -16.62
C ALA A 79 11.33 1.45 -17.10
N SER A 80 12.60 1.21 -17.38
CA SER A 80 12.98 0.02 -18.18
C SER A 80 13.01 -1.25 -17.33
N THR A 81 13.29 -1.14 -16.03
CA THR A 81 13.25 -2.31 -15.13
C THR A 81 11.87 -2.41 -14.48
N TYR A 82 11.32 -1.33 -13.99
CA TYR A 82 10.22 -1.40 -12.98
C TYR A 82 8.90 -0.92 -13.57
N GLY A 83 8.86 -0.46 -14.82
CA GLY A 83 7.60 -0.05 -15.46
C GLY A 83 6.94 1.11 -14.77
N VAL A 84 7.75 2.02 -14.27
CA VAL A 84 7.26 3.22 -13.55
C VAL A 84 7.58 4.44 -14.38
N THR A 85 6.59 5.22 -14.73
CA THR A 85 6.80 6.45 -15.52
C THR A 85 5.93 7.56 -14.95
N THR A 86 6.34 8.80 -15.16
CA THR A 86 5.57 9.98 -14.72
C THR A 86 5.48 10.97 -15.88
N SER A 87 4.44 11.79 -15.79
CA SER A 87 4.20 12.92 -16.71
C SER A 87 3.42 13.92 -15.90
N GLY A 88 3.99 15.06 -15.60
CA GLY A 88 3.28 16.13 -14.87
C GLY A 88 2.82 15.64 -13.51
N ASN A 89 1.50 15.61 -13.33
CA ASN A 89 0.85 15.14 -12.07
C ASN A 89 0.44 13.67 -12.18
N SER A 90 0.91 12.94 -13.17
CA SER A 90 0.45 11.56 -13.41
C SER A 90 1.59 10.56 -13.18
N LEU A 91 1.26 9.43 -12.56
CA LEU A 91 2.21 8.34 -12.27
C LEU A 91 1.57 7.07 -12.84
N SER A 92 2.28 6.33 -13.68
CA SER A 92 1.79 5.04 -14.20
C SER A 92 2.69 3.94 -13.64
N ILE A 93 2.07 2.86 -13.20
CA ILE A 93 2.82 1.67 -12.75
C ILE A 93 2.39 0.48 -13.58
N GLY A 94 3.33 -0.10 -14.32
CA GLY A 94 3.04 -1.32 -15.10
C GLY A 94 3.03 -2.55 -14.23
N PHE A 95 2.46 -3.64 -14.71
CA PHE A 95 2.40 -4.86 -13.89
C PHE A 95 3.65 -5.70 -14.15
N VAL A 96 3.74 -6.34 -15.32
CA VAL A 96 4.93 -7.17 -15.61
C VAL A 96 5.85 -6.39 -16.53
N THR A 97 7.08 -6.13 -16.12
CA THR A 97 8.08 -5.47 -16.98
C THR A 97 9.21 -6.46 -17.25
N GLN A 98 9.43 -6.75 -18.54
CA GLN A 98 10.53 -7.65 -18.99
C GLN A 98 11.77 -6.82 -19.32
N SER A 99 12.87 -7.09 -18.64
CA SER A 99 14.19 -6.51 -18.99
C SER A 99 15.16 -7.69 -19.07
N ALA A 100 16.33 -7.60 -18.45
CA ALA A 100 17.21 -8.75 -18.16
C ALA A 100 16.41 -9.78 -17.36
N GLN A 101 15.51 -9.32 -16.47
CA GLN A 101 14.72 -10.18 -15.57
C GLN A 101 13.24 -9.76 -15.65
N LYS A 102 12.37 -10.61 -15.12
CA LYS A 102 10.93 -10.32 -14.99
C LYS A 102 10.71 -9.50 -13.70
N ASN A 103 10.07 -8.33 -13.79
CA ASN A 103 9.70 -7.54 -12.60
C ASN A 103 8.19 -7.53 -12.51
N VAL A 104 7.65 -7.79 -11.32
CA VAL A 104 6.18 -7.74 -11.08
C VAL A 104 5.89 -6.62 -10.09
N GLY A 105 5.24 -5.58 -10.59
CA GLY A 105 4.71 -4.51 -9.77
C GLY A 105 5.80 -3.65 -9.18
N ALA A 106 5.39 -2.77 -8.28
CA ALA A 106 6.29 -1.77 -7.68
C ALA A 106 5.57 -1.16 -6.48
N ARG A 107 6.33 -0.73 -5.47
CA ARG A 107 5.78 0.05 -4.35
C ARG A 107 6.65 1.30 -4.28
N LEU A 108 6.02 2.45 -4.35
CA LEU A 108 6.65 3.78 -4.46
C LEU A 108 6.21 4.66 -3.31
N TYR A 109 7.08 5.55 -2.89
CA TYR A 109 6.79 6.54 -1.84
C TYR A 109 6.97 7.93 -2.40
N LEU A 110 6.12 8.84 -1.99
CA LEU A 110 6.24 10.25 -2.41
C LEU A 110 7.29 10.95 -1.57
N MET A 111 8.23 11.60 -2.24
N MET A 111 8.23 11.62 -2.24
CA MET A 111 9.39 12.30 -1.64
CA MET A 111 9.36 12.28 -1.57
C MET A 111 9.09 13.79 -1.45
C MET A 111 9.13 13.78 -1.48
N ALA A 112 9.67 14.37 -0.41
CA ALA A 112 9.78 15.82 -0.17
C ALA A 112 11.08 16.36 -0.75
N SER A 113 12.15 15.60 -0.58
CA SER A 113 13.50 15.95 -1.05
C SER A 113 14.17 14.65 -1.46
N ASP A 114 15.39 14.74 -1.97
CA ASP A 114 16.13 13.55 -2.42
C ASP A 114 16.34 12.58 -1.28
N THR A 115 16.27 13.05 -0.02
CA THR A 115 16.62 12.21 1.14
C THR A 115 15.45 12.08 2.12
N THR A 116 14.27 12.61 1.81
CA THR A 116 13.16 12.53 2.78
C THR A 116 11.84 12.22 2.10
N TYR A 117 11.04 11.36 2.73
CA TYR A 117 9.64 11.20 2.34
C TYR A 117 8.83 12.44 2.73
N GLN A 118 7.80 12.70 1.94
CA GLN A 118 6.79 13.74 2.26
C GLN A 118 5.93 13.20 3.40
N GLU A 119 5.78 13.95 4.47
CA GLU A 119 4.86 13.54 5.55
C GLU A 119 3.57 14.34 5.44
N PHE A 120 2.48 13.65 5.64
CA PHE A 120 1.13 14.26 5.64
C PHE A 120 0.51 13.94 7.00
N THR A 121 -0.05 14.94 7.67
CA THR A 121 -0.91 14.70 8.84
C THR A 121 -2.35 14.69 8.34
N LEU A 122 -2.98 13.52 8.20
CA LEU A 122 -4.27 13.36 7.53
C LEU A 122 -5.37 14.03 8.35
N LEU A 123 -5.30 13.98 9.68
CA LEU A 123 -6.42 14.44 10.52
C LEU A 123 -6.81 15.90 10.24
N GLY A 124 -8.08 16.15 9.92
CA GLY A 124 -8.59 17.50 9.62
C GLY A 124 -8.47 17.87 8.15
N ASN A 125 -7.79 17.02 7.39
CA ASN A 125 -7.53 17.24 5.95
C ASN A 125 -8.28 16.23 5.11
N GLU A 126 -8.29 16.50 3.81
CA GLU A 126 -8.81 15.53 2.82
C GLU A 126 -7.71 15.32 1.79
N PHE A 127 -7.75 14.15 1.19
CA PHE A 127 -6.80 13.71 0.16
C PHE A 127 -7.63 13.37 -1.05
N SER A 128 -7.32 14.03 -2.18
CA SER A 128 -7.99 13.76 -3.46
C SER A 128 -6.97 13.19 -4.44
N PHE A 129 -7.40 12.23 -5.25
CA PHE A 129 -6.58 11.82 -6.40
C PHE A 129 -7.49 11.31 -7.49
N ASP A 130 -6.97 11.29 -8.71
CA ASP A 130 -7.63 10.66 -9.87
C ASP A 130 -6.98 9.31 -10.14
N VAL A 131 -7.76 8.37 -10.62
CA VAL A 131 -7.24 7.04 -10.93
C VAL A 131 -7.91 6.51 -12.18
N ASP A 132 -7.11 5.76 -12.91
CA ASP A 132 -7.60 4.94 -14.04
C ASP A 132 -7.33 3.50 -13.64
N VAL A 133 -8.38 2.77 -13.28
CA VAL A 133 -8.32 1.34 -12.93
C VAL A 133 -8.77 0.47 -14.13
N SER A 134 -8.99 1.07 -15.31
CA SER A 134 -9.57 0.32 -16.45
C SER A 134 -8.71 -0.90 -16.81
N GLN A 135 -7.40 -0.80 -16.64
CA GLN A 135 -6.45 -1.86 -17.06
C GLN A 135 -6.10 -2.73 -15.85
N LEU A 136 -6.93 -2.78 -14.81
CA LEU A 136 -6.70 -3.68 -13.66
C LEU A 136 -7.79 -4.73 -13.60
N PRO A 137 -7.49 -5.97 -14.03
CA PRO A 137 -8.49 -7.01 -13.93
C PRO A 137 -8.52 -7.64 -12.55
N CYS A 138 -9.40 -8.65 -12.39
CA CYS A 138 -9.46 -9.53 -11.21
C CYS A 138 -8.04 -9.92 -10.81
N GLY A 139 -7.74 -9.79 -9.52
CA GLY A 139 -6.50 -10.33 -8.97
C GLY A 139 -5.44 -9.27 -8.77
N LEU A 140 -5.64 -8.09 -9.33
N LEU A 140 -5.65 -8.09 -9.35
CA LEU A 140 -4.65 -7.00 -9.23
CA LEU A 140 -4.69 -6.97 -9.26
C LEU A 140 -5.13 -5.96 -8.24
C LEU A 140 -5.15 -5.98 -8.20
N ASN A 141 -4.20 -5.26 -7.62
CA ASN A 141 -4.52 -4.21 -6.63
C ASN A 141 -3.62 -3.01 -6.96
N GLY A 142 -4.23 -1.95 -7.46
CA GLY A 142 -3.58 -0.63 -7.56
C GLY A 142 -3.87 0.09 -6.26
N ALA A 143 -2.88 0.24 -5.39
CA ALA A 143 -3.16 0.72 -4.03
C ALA A 143 -2.57 2.11 -3.85
N LEU A 144 -3.30 2.96 -3.18
CA LEU A 144 -2.82 4.28 -2.73
C LEU A 144 -3.17 4.34 -1.27
N TYR A 145 -2.16 4.54 -0.46
CA TYR A 145 -2.36 4.40 1.01
C TYR A 145 -1.26 5.13 1.73
N PHE A 146 -1.48 5.26 3.04
CA PHE A 146 -0.55 5.95 3.94
C PHE A 146 -0.06 4.98 5.01
N VAL A 147 1.20 5.14 5.42
CA VAL A 147 1.80 4.33 6.52
C VAL A 147 2.62 5.26 7.39
N SER A 148 2.72 4.92 8.67
CA SER A 148 3.50 5.74 9.64
C SER A 148 4.98 5.39 9.59
N MET A 149 5.60 5.66 8.44
CA MET A 149 7.05 5.49 8.20
C MET A 149 7.80 6.74 8.66
N ASP A 150 9.06 6.54 9.03
CA ASP A 150 9.96 7.67 9.34
C ASP A 150 10.26 8.44 8.04
N ALA A 151 10.38 9.74 8.11
CA ALA A 151 10.58 10.58 6.89
C ALA A 151 11.95 10.25 6.29
N ASP A 152 12.96 9.90 7.10
CA ASP A 152 14.31 9.64 6.59
C ASP A 152 14.48 8.15 6.31
N GLY A 153 13.40 7.35 6.30
CA GLY A 153 13.55 5.91 6.00
C GLY A 153 14.27 5.12 7.10
N GLY A 154 14.50 5.72 8.25
CA GLY A 154 15.08 5.01 9.40
C GLY A 154 16.51 5.42 9.72
N VAL A 155 17.08 6.38 9.02
CA VAL A 155 18.52 6.74 9.17
C VAL A 155 18.79 7.21 10.62
N SER A 156 17.94 8.07 11.17
CA SER A 156 18.24 8.59 12.52
C SER A 156 18.11 7.49 13.55
N LYS A 157 17.07 6.69 13.45
CA LYS A 157 16.81 5.67 14.49
C LYS A 157 17.87 4.56 14.39
N TYR A 158 18.34 4.23 13.19
CA TYR A 158 19.22 3.07 12.96
C TYR A 158 20.37 3.52 12.08
N PRO A 159 21.38 4.20 12.65
CA PRO A 159 22.42 4.81 11.84
C PRO A 159 23.30 3.87 10.99
N THR A 160 23.18 2.56 11.14
CA THR A 160 23.82 1.59 10.20
C THR A 160 23.09 1.68 8.87
N ASN A 161 21.86 2.19 8.83
CA ASN A 161 21.13 2.41 7.57
C ASN A 161 21.58 3.78 7.08
N THR A 162 22.52 3.81 6.15
CA THR A 162 22.90 5.08 5.52
C THR A 162 22.24 5.25 4.15
N ALA A 163 21.59 4.22 3.64
CA ALA A 163 20.89 4.33 2.35
C ALA A 163 19.66 5.24 2.54
N GLY A 164 18.81 4.96 3.50
CA GLY A 164 17.70 5.86 3.85
C GLY A 164 16.63 6.01 2.77
N ALA A 165 15.85 7.06 2.93
CA ALA A 165 14.64 7.31 2.10
C ALA A 165 15.04 7.42 0.61
N LYS A 166 16.23 7.95 0.33
CA LYS A 166 16.71 8.05 -1.09
C LYS A 166 16.64 6.71 -1.80
N TYR A 167 16.76 5.61 -1.06
CA TYR A 167 16.78 4.22 -1.59
C TYR A 167 15.56 3.47 -1.08
N GLY A 168 14.56 4.17 -0.58
CA GLY A 168 13.31 3.49 -0.28
C GLY A 168 13.34 2.61 0.96
N THR A 169 14.15 2.91 1.95
CA THR A 169 14.20 2.09 3.16
C THR A 169 13.07 2.44 4.13
N GLY A 170 12.86 1.59 5.11
CA GLY A 170 12.04 1.89 6.30
C GLY A 170 10.57 1.53 6.18
N TYR A 171 10.17 0.73 5.18
CA TYR A 171 8.76 0.39 5.01
C TYR A 171 8.28 -0.34 6.25
N CYS A 172 7.01 -0.12 6.52
CA CYS A 172 6.23 -0.82 7.55
C CYS A 172 4.77 -0.76 7.10
N ASP A 173 3.95 -1.67 7.60
CA ASP A 173 2.49 -1.54 7.38
C ASP A 173 1.81 -2.46 8.36
N SER A 174 0.49 -2.51 8.33
CA SER A 174 -0.28 -3.19 9.40
C SER A 174 -0.20 -4.72 9.24
N GLN A 175 0.39 -5.22 8.16
CA GLN A 175 0.67 -6.65 7.96
C GLN A 175 1.98 -7.00 8.65
N CYS A 176 2.70 -6.03 9.20
CA CYS A 176 4.05 -6.25 9.80
C CYS A 176 4.88 -7.15 8.89
N PRO A 177 5.08 -6.73 7.65
CA PRO A 177 5.72 -7.58 6.65
C PRO A 177 7.11 -8.06 7.04
N ARG A 178 7.29 -9.37 6.87
CA ARG A 178 8.56 -10.10 7.12
C ARG A 178 9.31 -10.39 5.82
N ASP A 179 8.79 -9.94 4.68
CA ASP A 179 9.45 -10.15 3.36
C ASP A 179 10.49 -9.08 3.10
N LEU A 180 10.62 -8.10 3.95
CA LEU A 180 11.60 -7.01 3.80
C LEU A 180 12.99 -7.58 4.04
N LYS A 181 13.92 -7.14 3.22
CA LYS A 181 15.30 -7.65 3.29
C LYS A 181 16.10 -6.88 4.34
N PHE A 182 15.77 -5.60 4.58
CA PHE A 182 16.44 -4.79 5.61
C PHE A 182 15.36 -4.19 6.51
N ILE A 183 15.52 -4.36 7.81
CA ILE A 183 14.64 -3.75 8.83
C ILE A 183 15.56 -3.21 9.93
N ASN A 184 15.28 -1.99 10.35
CA ASN A 184 16.00 -1.40 11.52
C ASN A 184 17.50 -1.39 11.28
N GLY A 185 17.95 -1.17 10.04
CA GLY A 185 19.37 -0.97 9.77
C GLY A 185 20.12 -2.29 9.85
N GLN A 186 19.45 -3.44 9.82
CA GLN A 186 20.11 -4.76 9.79
C GLN A 186 19.42 -5.55 8.70
N ALA A 187 20.05 -6.61 8.20
CA ALA A 187 19.38 -7.48 7.23
C ALA A 187 18.36 -8.33 7.96
N ASN A 188 17.64 -9.11 7.17
CA ASN A 188 16.58 -10.03 7.62
C ASN A 188 16.92 -11.45 7.20
N VAL A 189 18.20 -11.79 7.09
CA VAL A 189 18.67 -13.13 6.67
C VAL A 189 18.40 -14.14 7.79
N GLU A 190 18.50 -13.75 9.06
CA GLU A 190 18.24 -14.74 10.14
C GLU A 190 16.79 -15.24 10.05
N GLY A 191 16.61 -16.58 10.06
CA GLY A 191 15.27 -17.19 9.92
C GLY A 191 14.67 -17.05 8.52
N TRP A 192 15.42 -16.66 7.49
CA TRP A 192 14.88 -16.55 6.11
C TRP A 192 14.39 -17.89 5.56
N GLU A 193 13.15 -17.89 5.10
CA GLU A 193 12.47 -19.02 4.44
C GLU A 193 12.10 -18.55 3.05
N PRO A 194 12.73 -19.10 2.00
CA PRO A 194 12.36 -18.79 0.61
C PRO A 194 10.89 -19.13 0.36
N SER A 195 10.20 -18.28 -0.38
CA SER A 195 8.78 -18.50 -0.80
C SER A 195 8.66 -19.74 -1.68
N SER A 196 7.68 -20.59 -1.39
N SER A 196 7.69 -20.60 -1.39
CA SER A 196 7.40 -21.81 -2.18
CA SER A 196 7.40 -21.82 -2.19
C SER A 196 6.88 -21.43 -3.58
C SER A 196 6.90 -21.42 -3.59
N ASN A 197 6.12 -20.33 -3.68
CA ASN A 197 5.41 -19.97 -4.94
C ASN A 197 6.03 -18.72 -5.58
N ASN A 198 7.16 -18.20 -5.07
CA ASN A 198 7.72 -16.93 -5.62
C ASN A 198 9.24 -17.05 -5.65
N ALA A 199 9.83 -17.12 -6.85
CA ALA A 199 11.28 -17.31 -7.04
C ALA A 199 12.10 -16.12 -6.53
N ASN A 200 11.46 -14.97 -6.23
CA ASN A 200 12.16 -13.70 -5.90
C ASN A 200 11.98 -13.29 -4.44
N THR A 201 11.14 -13.97 -3.65
CA THR A 201 10.78 -13.45 -2.31
C THR A 201 10.91 -14.52 -1.24
N GLY A 202 10.84 -14.08 0.00
CA GLY A 202 10.96 -14.95 1.15
C GLY A 202 10.42 -14.24 2.35
N ILE A 203 10.52 -14.92 3.48
CA ILE A 203 10.03 -14.42 4.78
C ILE A 203 11.20 -14.54 5.75
N GLY A 204 11.53 -13.48 6.46
CA GLY A 204 12.61 -13.53 7.46
C GLY A 204 12.09 -13.63 8.89
N GLY A 205 13.02 -13.64 9.84
CA GLY A 205 12.68 -13.81 11.26
C GLY A 205 12.09 -12.54 11.86
N HIS A 206 12.22 -11.40 11.19
CA HIS A 206 11.69 -10.11 11.68
CA HIS A 206 11.68 -10.10 11.67
C HIS A 206 10.73 -9.50 10.65
N GLY A 207 9.88 -8.64 11.15
CA GLY A 207 8.94 -7.89 10.31
C GLY A 207 8.92 -6.46 10.76
N SER A 208 8.18 -5.61 10.06
CA SER A 208 8.20 -4.15 10.31
C SER A 208 6.75 -3.61 10.36
N CYS A 209 6.26 -3.30 11.57
CA CYS A 209 4.88 -2.91 11.86
C CYS A 209 4.72 -1.40 11.86
N CYS A 210 3.58 -0.91 11.40
CA CYS A 210 3.08 0.44 11.74
C CYS A 210 1.66 0.65 11.24
N SER A 211 1.05 1.69 11.73
CA SER A 211 -0.33 2.07 11.38
C SER A 211 -0.44 2.28 9.88
N GLU A 212 -1.60 1.95 9.33
CA GLU A 212 -1.79 1.99 7.85
C GLU A 212 -3.20 2.49 7.54
N MET A 213 -3.27 3.51 6.68
CA MET A 213 -4.55 4.07 6.16
C MET A 213 -4.66 3.66 4.69
N ASP A 214 -5.42 2.61 4.43
CA ASP A 214 -5.67 2.13 3.05
C ASP A 214 -6.80 2.98 2.45
N ILE A 215 -6.43 4.11 1.86
CA ILE A 215 -7.40 4.99 1.18
C ILE A 215 -8.01 4.17 0.04
N TRP A 216 -7.17 3.49 -0.71
CA TRP A 216 -7.60 2.95 -2.01
C TRP A 216 -6.91 1.63 -2.28
N GLU A 217 -7.67 0.56 -2.26
CA GLU A 217 -7.22 -0.77 -2.75
C GLU A 217 -8.27 -1.22 -3.73
N ALA A 218 -7.89 -1.28 -4.98
CA ALA A 218 -8.92 -1.44 -6.02
C ALA A 218 -8.39 -2.01 -7.33
N ASN A 219 -9.36 -2.53 -8.06
CA ASN A 219 -9.19 -2.82 -9.50
C ASN A 219 -10.45 -2.38 -10.24
N SER A 220 -10.68 -2.88 -11.44
CA SER A 220 -11.87 -2.45 -12.24
C SER A 220 -13.12 -3.12 -11.68
N ILE A 221 -13.01 -4.03 -10.72
CA ILE A 221 -14.19 -4.76 -10.19
C ILE A 221 -14.56 -4.27 -8.80
N SER A 222 -13.60 -4.05 -7.89
CA SER A 222 -13.88 -3.79 -6.46
C SER A 222 -12.93 -2.72 -5.92
N GLU A 223 -13.41 -1.98 -4.91
CA GLU A 223 -12.59 -0.96 -4.22
C GLU A 223 -12.89 -1.04 -2.73
N ALA A 224 -11.88 -0.81 -1.89
CA ALA A 224 -12.01 -0.85 -0.42
C ALA A 224 -11.24 0.30 0.20
N LEU A 225 -11.78 0.83 1.27
CA LEU A 225 -11.28 1.92 2.13
C LEU A 225 -11.07 1.32 3.52
N THR A 226 -9.84 1.34 4.07
CA THR A 226 -9.63 0.54 5.31
C THR A 226 -8.57 1.14 6.23
N PRO A 227 -8.93 1.69 7.41
CA PRO A 227 -7.92 1.98 8.43
C PRO A 227 -7.52 0.74 9.21
N HIS A 228 -6.24 0.67 9.60
CA HIS A 228 -5.63 -0.41 10.41
C HIS A 228 -4.85 0.21 11.55
N PRO A 229 -5.36 0.11 12.80
CA PRO A 229 -4.57 0.56 13.93
C PRO A 229 -3.52 -0.44 14.41
N CYS A 230 -2.52 0.10 15.08
CA CYS A 230 -1.47 -0.67 15.77
C CYS A 230 -1.30 -0.11 17.19
N THR A 231 -0.90 -0.95 18.14
CA THR A 231 -0.74 -0.54 19.55
C THR A 231 0.53 0.29 19.70
N THR A 232 1.49 0.14 18.78
CA THR A 232 2.60 1.10 18.58
C THR A 232 2.25 1.81 17.28
N VAL A 233 2.18 3.13 17.32
CA VAL A 233 1.64 3.90 16.16
C VAL A 233 2.61 3.83 14.99
N GLY A 234 3.88 4.20 15.23
CA GLY A 234 4.94 4.27 14.23
C GLY A 234 5.62 2.94 13.99
N GLN A 235 6.73 3.02 13.27
CA GLN A 235 7.48 1.83 12.82
C GLN A 235 8.09 1.10 14.01
N GLU A 236 7.89 -0.21 14.06
CA GLU A 236 8.48 -1.04 15.12
C GLU A 236 8.74 -2.42 14.56
N ILE A 237 9.89 -3.00 14.90
CA ILE A 237 10.23 -4.37 14.51
C ILE A 237 9.33 -5.32 15.30
N CYS A 238 9.07 -6.46 14.70
CA CYS A 238 8.31 -7.56 15.32
C CYS A 238 9.10 -8.84 15.09
N GLU A 239 8.90 -9.78 16.01
CA GLU A 239 9.62 -11.06 16.07
C GLU A 239 8.76 -12.20 15.49
N GLY A 240 9.23 -12.75 14.37
CA GLY A 240 8.65 -13.97 13.78
C GLY A 240 7.14 -13.94 13.68
N ASP A 241 6.50 -14.98 14.22
CA ASP A 241 5.04 -15.14 14.10
C ASP A 241 4.29 -14.09 14.95
N GLY A 242 4.95 -13.38 15.86
CA GLY A 242 4.35 -12.25 16.57
C GLY A 242 3.97 -11.13 15.60
N CYS A 243 4.52 -11.15 14.40
CA CYS A 243 4.22 -10.16 13.33
C CYS A 243 2.81 -10.35 12.79
N GLY A 244 2.27 -11.56 12.88
CA GLY A 244 1.03 -11.89 12.18
C GLY A 244 1.17 -11.63 10.69
N GLY A 245 0.08 -11.23 10.07
CA GLY A 245 0.00 -11.10 8.60
C GLY A 245 -0.18 -12.43 7.89
N CYS A 246 -0.47 -12.39 6.61
N CYS A 246 -0.54 -12.33 6.62
CA CYS A 246 -0.91 -13.59 5.85
CA CYS A 246 -0.83 -13.47 5.69
C CYS A 246 0.26 -14.58 5.77
C CYS A 246 0.24 -14.54 5.81
N TYR A 247 1.51 -14.11 5.85
CA TYR A 247 2.70 -14.98 5.68
C TYR A 247 3.19 -15.54 7.00
N SER A 248 2.71 -15.06 8.16
CA SER A 248 2.97 -15.76 9.45
C SER A 248 2.05 -16.98 9.53
N ASP A 249 2.31 -17.89 10.46
CA ASP A 249 1.49 -19.14 10.53
C ASP A 249 0.06 -18.80 10.98
N ASN A 250 -0.12 -17.68 11.70
CA ASN A 250 -1.46 -17.11 12.04
C ASN A 250 -1.42 -15.61 11.75
N ARG A 251 -2.53 -15.06 11.27
CA ARG A 251 -2.46 -13.66 10.78
C ARG A 251 -2.60 -12.67 11.96
N TYR A 252 -3.05 -13.09 13.14
CA TYR A 252 -3.21 -12.15 14.28
C TYR A 252 -1.95 -12.17 15.13
N GLY A 253 -1.19 -11.09 14.98
CA GLY A 253 0.03 -10.83 15.74
C GLY A 253 -0.23 -9.87 16.88
N GLY A 254 0.85 -9.45 17.48
CA GLY A 254 0.82 -8.79 18.78
C GLY A 254 0.49 -7.31 18.71
N THR A 255 0.70 -6.60 17.60
CA THR A 255 0.57 -5.13 17.71
C THR A 255 -0.30 -4.51 16.64
N CYS A 256 -0.41 -5.08 15.46
CA CYS A 256 -1.19 -4.43 14.39
C CYS A 256 -2.47 -5.23 14.12
N ASP A 257 -3.49 -4.53 13.65
CA ASP A 257 -4.73 -5.11 13.13
C ASP A 257 -4.57 -5.36 11.63
N PRO A 258 -4.36 -6.60 11.15
CA PRO A 258 -4.17 -6.86 9.74
C PRO A 258 -5.46 -6.78 8.91
N ASP A 259 -6.61 -6.81 9.58
CA ASP A 259 -7.93 -6.88 8.86
C ASP A 259 -8.41 -5.48 8.55
N GLY A 260 -8.42 -4.61 9.56
CA GLY A 260 -8.89 -3.22 9.43
C GLY A 260 -10.41 -3.18 9.51
N CYS A 261 -10.93 -1.96 9.56
CA CYS A 261 -12.35 -1.65 9.45
C CYS A 261 -12.60 -1.25 7.99
N ASP A 262 -12.93 -2.24 7.17
CA ASP A 262 -12.97 -2.03 5.71
C ASP A 262 -14.35 -1.54 5.30
N TRP A 263 -14.37 -0.72 4.26
CA TRP A 263 -15.58 -0.25 3.59
C TRP A 263 -15.45 -0.51 2.09
N ASN A 264 -16.07 -1.59 1.65
CA ASN A 264 -16.16 -2.00 0.23
C ASN A 264 -17.64 -1.93 -0.11
N PRO A 265 -18.09 -0.97 -0.93
CA PRO A 265 -19.53 -0.81 -1.17
C PRO A 265 -20.16 -2.11 -1.67
N TYR A 266 -19.46 -2.89 -2.48
CA TYR A 266 -20.01 -4.18 -3.01
C TYR A 266 -20.24 -5.12 -1.83
N ARG A 267 -19.25 -5.22 -0.94
CA ARG A 267 -19.29 -6.10 0.23
C ARG A 267 -20.50 -5.72 1.09
N LEU A 268 -20.80 -4.42 1.18
CA LEU A 268 -21.88 -3.89 2.01
C LEU A 268 -23.24 -4.00 1.31
N GLY A 269 -23.28 -4.54 0.10
CA GLY A 269 -24.54 -4.89 -0.58
C GLY A 269 -24.90 -3.99 -1.72
N ASN A 270 -24.09 -2.99 -2.06
CA ASN A 270 -24.41 -2.15 -3.22
C ASN A 270 -23.59 -2.68 -4.40
N THR A 271 -24.16 -3.63 -5.15
CA THR A 271 -23.46 -4.32 -6.25
C THR A 271 -23.53 -3.56 -7.58
N SER A 272 -24.17 -2.40 -7.65
CA SER A 272 -24.25 -1.63 -8.91
C SER A 272 -23.51 -0.30 -8.78
N PHE A 273 -22.71 -0.11 -7.73
CA PHE A 273 -22.14 1.23 -7.48
C PHE A 273 -20.84 1.40 -8.28
N TYR A 274 -20.02 0.36 -8.36
CA TYR A 274 -18.64 0.48 -8.90
C TYR A 274 -18.30 -0.74 -9.72
N GLY A 275 -18.03 -0.51 -10.99
CA GLY A 275 -17.73 -1.58 -11.93
C GLY A 275 -17.69 -1.08 -13.36
N PRO A 276 -17.38 -2.00 -14.28
CA PRO A 276 -17.17 -1.64 -15.66
C PRO A 276 -18.47 -1.38 -16.42
N GLY A 277 -18.55 -0.21 -17.04
CA GLY A 277 -19.61 0.13 -18.02
C GLY A 277 -20.75 0.94 -17.42
N SER A 278 -21.80 1.18 -18.22
CA SER A 278 -22.91 2.13 -17.96
C SER A 278 -23.83 1.69 -16.82
N SER A 279 -23.83 0.41 -16.47
CA SER A 279 -24.78 -0.15 -15.50
C SER A 279 -24.34 0.23 -14.09
N PHE A 280 -23.10 0.69 -13.90
CA PHE A 280 -22.60 1.06 -12.55
C PHE A 280 -22.66 2.56 -12.36
N THR A 281 -22.87 3.01 -11.12
CA THR A 281 -22.84 4.45 -10.78
C THR A 281 -21.49 5.03 -11.23
N LEU A 282 -20.42 4.38 -10.81
CA LEU A 282 -19.03 4.72 -11.20
C LEU A 282 -18.58 3.66 -12.20
N ASP A 283 -18.21 4.11 -13.38
CA ASP A 283 -17.81 3.28 -14.52
C ASP A 283 -16.29 3.15 -14.48
N THR A 284 -15.81 1.96 -14.17
CA THR A 284 -14.35 1.77 -13.95
C THR A 284 -13.59 1.70 -15.29
N THR A 285 -14.25 1.83 -16.44
CA THR A 285 -13.59 1.99 -17.74
C THR A 285 -13.16 3.44 -17.93
N LYS A 286 -13.55 4.34 -17.02
CA LYS A 286 -13.29 5.79 -17.15
C LYS A 286 -12.57 6.31 -15.91
N LYS A 287 -11.80 7.36 -16.09
CA LYS A 287 -11.10 8.00 -14.94
C LYS A 287 -12.10 8.35 -13.82
N LEU A 288 -11.64 8.32 -12.58
CA LEU A 288 -12.46 8.56 -11.38
C LEU A 288 -11.63 9.42 -10.44
N THR A 289 -12.26 10.40 -9.83
CA THR A 289 -11.73 11.16 -8.67
C THR A 289 -12.23 10.52 -7.37
N VAL A 290 -11.32 10.30 -6.42
CA VAL A 290 -11.62 9.67 -5.11
C VAL A 290 -11.18 10.68 -4.05
N VAL A 291 -12.13 11.11 -3.21
CA VAL A 291 -11.82 12.15 -2.18
C VAL A 291 -12.07 11.52 -0.81
N THR A 292 -11.11 11.64 0.08
CA THR A 292 -11.18 10.95 1.40
C THR A 292 -10.92 12.00 2.47
N GLN A 293 -11.86 12.12 3.41
CA GLN A 293 -11.92 13.24 4.38
C GLN A 293 -11.71 12.68 5.78
N PHE A 294 -10.70 13.18 6.48
CA PHE A 294 -10.33 12.67 7.81
C PHE A 294 -10.88 13.59 8.87
N GLU A 295 -12.07 13.31 9.34
CA GLU A 295 -12.77 14.26 10.24
C GLU A 295 -11.98 14.37 11.54
N THR A 296 -12.07 15.50 12.22
CA THR A 296 -11.30 15.71 13.46
C THR A 296 -11.82 14.73 14.52
N SER A 297 -13.04 14.18 14.40
CA SER A 297 -13.61 13.16 15.31
C SER A 297 -12.84 11.84 15.23
N GLY A 298 -12.11 11.58 14.14
CA GLY A 298 -11.52 10.28 13.78
C GLY A 298 -12.34 9.47 12.82
N ALA A 299 -13.54 9.93 12.44
CA ALA A 299 -14.32 9.32 11.37
C ALA A 299 -13.71 9.66 9.99
N ILE A 300 -14.11 8.89 9.00
CA ILE A 300 -13.62 9.06 7.62
C ILE A 300 -14.82 9.12 6.69
N ASN A 301 -14.81 10.11 5.82
CA ASN A 301 -15.84 10.31 4.79
C ASN A 301 -15.24 10.21 3.41
N ARG A 302 -16.12 9.95 2.46
CA ARG A 302 -15.68 9.61 1.10
C ARG A 302 -16.69 10.18 0.11
N TYR A 303 -16.23 10.84 -0.95
CA TYR A 303 -17.07 11.06 -2.14
C TYR A 303 -16.20 10.86 -3.36
N TYR A 304 -16.87 10.72 -4.49
CA TYR A 304 -16.24 10.41 -5.78
C TYR A 304 -16.70 11.47 -6.76
N VAL A 305 -15.89 11.70 -7.77
CA VAL A 305 -16.32 12.61 -8.86
C VAL A 305 -15.96 11.89 -10.14
N GLN A 306 -16.90 11.79 -11.08
CA GLN A 306 -16.60 11.13 -12.38
C GLN A 306 -17.23 12.00 -13.45
N ASN A 307 -16.44 12.50 -14.36
CA ASN A 307 -16.90 13.42 -15.43
C ASN A 307 -17.71 14.54 -14.82
N GLY A 308 -17.21 15.12 -13.73
CA GLY A 308 -17.81 16.31 -13.11
C GLY A 308 -18.98 16.03 -12.21
N VAL A 309 -19.43 14.78 -12.09
CA VAL A 309 -20.60 14.42 -11.24
C VAL A 309 -20.09 13.92 -9.90
N THR A 310 -20.58 14.55 -8.84
CA THR A 310 -20.24 14.12 -7.47
C THR A 310 -21.18 13.01 -7.01
N PHE A 311 -20.63 11.95 -6.45
CA PHE A 311 -21.39 10.86 -5.81
C PHE A 311 -20.81 10.67 -4.42
N GLN A 312 -21.65 10.84 -3.41
CA GLN A 312 -21.21 10.49 -2.04
C GLN A 312 -21.08 8.98 -1.90
N GLN A 313 -20.29 8.56 -0.93
CA GLN A 313 -20.22 7.13 -0.59
C GLN A 313 -21.67 6.65 -0.47
N PRO A 314 -22.04 5.51 -1.08
CA PRO A 314 -23.40 5.00 -0.93
C PRO A 314 -23.71 4.60 0.51
N ASN A 315 -24.98 4.69 0.85
CA ASN A 315 -25.43 4.32 2.18
C ASN A 315 -25.30 2.82 2.39
N ALA A 316 -24.94 2.45 3.59
CA ALA A 316 -24.90 1.06 4.03
C ALA A 316 -25.81 0.88 5.24
N GLU A 317 -26.50 -0.26 5.28
CA GLU A 317 -27.25 -0.76 6.45
C GLU A 317 -26.57 -2.04 6.91
N LEU A 318 -26.10 -2.05 8.14
CA LEU A 318 -25.34 -3.19 8.70
C LEU A 318 -25.68 -3.25 10.16
N GLY A 319 -26.45 -4.25 10.57
CA GLY A 319 -26.92 -4.33 11.96
C GLY A 319 -27.72 -3.09 12.30
N SER A 320 -27.36 -2.40 13.39
CA SER A 320 -28.04 -1.18 13.91
C SER A 320 -27.53 0.04 13.16
N TYR A 321 -26.50 -0.11 12.34
CA TYR A 321 -25.86 1.06 11.66
C TYR A 321 -26.56 1.36 10.35
N SER A 322 -26.82 2.64 10.10
CA SER A 322 -27.25 3.20 8.79
C SER A 322 -26.48 4.47 8.50
N GLY A 323 -25.77 4.50 7.38
CA GLY A 323 -24.97 5.71 7.06
C GLY A 323 -23.96 5.44 5.99
N ASN A 324 -23.16 6.43 5.69
CA ASN A 324 -22.14 6.31 4.62
C ASN A 324 -20.78 6.79 5.16
N GLU A 325 -20.65 6.85 6.48
CA GLU A 325 -19.44 7.38 7.17
C GLU A 325 -18.73 6.23 7.88
N LEU A 326 -17.43 6.07 7.64
CA LEU A 326 -16.62 5.09 8.37
C LEU A 326 -16.30 5.66 9.74
N ASN A 327 -17.05 5.22 10.77
CA ASN A 327 -16.91 5.76 12.14
C ASN A 327 -16.95 4.58 13.10
N ASP A 328 -16.82 4.82 14.39
CA ASP A 328 -16.69 3.70 15.33
C ASP A 328 -18.02 2.95 15.36
N ASP A 329 -19.14 3.64 15.10
CA ASP A 329 -20.45 2.92 15.05
C ASP A 329 -20.44 1.92 13.91
N TYR A 330 -19.94 2.31 12.75
CA TYR A 330 -19.83 1.38 11.61
C TYR A 330 -18.91 0.20 11.96
N CYS A 331 -17.73 0.48 12.49
CA CYS A 331 -16.66 -0.52 12.71
C CYS A 331 -17.13 -1.53 13.76
N THR A 332 -17.89 -1.08 14.73
CA THR A 332 -18.50 -1.93 15.78
C THR A 332 -19.59 -2.80 15.15
N ALA A 333 -20.46 -2.20 14.30
CA ALA A 333 -21.52 -2.97 13.60
C ALA A 333 -20.88 -4.01 12.67
N GLU A 334 -19.78 -3.65 12.03
CA GLU A 334 -19.13 -4.58 11.10
C GLU A 334 -18.61 -5.80 11.86
N GLU A 335 -17.97 -5.58 12.99
CA GLU A 335 -17.50 -6.70 13.81
C GLU A 335 -18.70 -7.52 14.26
N ALA A 336 -19.80 -6.87 14.60
CA ALA A 336 -21.00 -7.61 15.07
C ALA A 336 -21.55 -8.48 13.95
N GLU A 337 -21.59 -7.99 12.73
CA GLU A 337 -22.29 -8.68 11.63
C GLU A 337 -21.36 -9.61 10.87
N PHE A 338 -20.14 -9.18 10.56
CA PHE A 338 -19.20 -9.96 9.71
C PHE A 338 -18.19 -10.69 10.59
N GLY A 339 -18.16 -10.41 11.87
CA GLY A 339 -17.28 -11.14 12.80
C GLY A 339 -15.93 -10.49 13.00
N GLY A 340 -15.21 -10.99 13.98
CA GLY A 340 -13.83 -10.56 14.24
C GLY A 340 -13.73 -9.55 15.34
N SER A 341 -12.56 -9.41 15.91
CA SER A 341 -12.31 -8.46 17.01
C SER A 341 -10.96 -7.78 16.83
N SER A 342 -10.31 -7.95 15.70
CA SER A 342 -8.93 -7.44 15.51
C SER A 342 -8.89 -5.92 15.60
N PHE A 343 -9.74 -5.27 14.84
CA PHE A 343 -9.82 -3.79 14.79
C PHE A 343 -10.06 -3.22 16.20
N SER A 344 -11.07 -3.67 16.92
CA SER A 344 -11.37 -3.14 18.27
C SER A 344 -10.28 -3.58 19.26
N ASP A 345 -9.75 -4.80 19.13
CA ASP A 345 -8.69 -5.33 20.02
C ASP A 345 -7.49 -4.39 19.95
N LYS A 346 -7.18 -3.87 18.76
CA LYS A 346 -6.00 -3.01 18.56
C LYS A 346 -6.36 -1.54 18.71
N GLY A 347 -7.56 -1.20 19.17
CA GLY A 347 -7.84 0.16 19.69
C GLY A 347 -8.79 0.97 18.83
N GLY A 348 -9.24 0.43 17.72
CA GLY A 348 -10.29 1.04 16.92
C GLY A 348 -9.88 2.41 16.37
N LEU A 349 -10.84 3.26 16.05
CA LEU A 349 -10.51 4.55 15.42
C LEU A 349 -9.90 5.50 16.43
N THR A 350 -10.08 5.31 17.74
CA THR A 350 -9.37 6.16 18.73
C THR A 350 -7.87 5.93 18.60
N GLN A 351 -7.46 4.68 18.51
CA GLN A 351 -6.02 4.34 18.32
C GLN A 351 -5.56 4.82 16.95
N PHE A 352 -6.42 4.66 15.97
CA PHE A 352 -6.09 5.00 14.58
C PHE A 352 -5.85 6.50 14.47
N LYS A 353 -6.60 7.28 15.25
CA LYS A 353 -6.48 8.75 15.24
CA LYS A 353 -6.47 8.75 15.23
C LYS A 353 -5.09 9.20 15.71
N LYS A 354 -4.41 8.39 16.51
CA LYS A 354 -3.00 8.68 16.87
C LYS A 354 -2.12 8.74 15.61
N ALA A 355 -2.40 7.87 14.65
CA ALA A 355 -1.59 7.79 13.41
C ALA A 355 -1.93 8.97 12.50
N THR A 356 -3.22 9.26 12.34
CA THR A 356 -3.63 10.33 11.42
C THR A 356 -3.32 11.72 11.99
N SER A 357 -3.12 11.83 13.30
CA SER A 357 -2.73 13.11 13.93
C SER A 357 -1.21 13.29 13.91
N GLY A 358 -0.49 12.32 13.34
CA GLY A 358 0.97 12.33 13.18
C GLY A 358 1.28 12.27 11.70
N GLY A 359 2.54 12.19 11.37
CA GLY A 359 2.94 12.16 9.95
C GLY A 359 2.76 10.76 9.37
N MET A 360 2.29 10.67 8.15
CA MET A 360 2.28 9.39 7.41
C MET A 360 2.82 9.67 6.02
N VAL A 361 3.34 8.62 5.43
CA VAL A 361 3.98 8.69 4.09
C VAL A 361 3.01 8.09 3.07
N LEU A 362 2.93 8.74 1.92
CA LEU A 362 2.09 8.29 0.79
C LEU A 362 2.80 7.19 0.01
N VAL A 363 2.08 6.10 -0.14
CA VAL A 363 2.50 4.89 -0.88
C VAL A 363 1.56 4.71 -2.08
N MET A 364 2.15 4.44 -3.23
CA MET A 364 1.39 4.04 -4.42
C MET A 364 2.01 2.77 -4.95
N SER A 365 1.18 1.77 -5.24
CA SER A 365 1.74 0.46 -5.60
C SER A 365 0.82 -0.23 -6.57
N LEU A 366 1.36 -1.25 -7.20
CA LEU A 366 0.60 -2.25 -7.97
C LEU A 366 1.15 -3.61 -7.56
N TRP A 367 0.25 -4.53 -7.23
CA TRP A 367 0.66 -5.86 -6.77
C TRP A 367 -0.39 -6.90 -7.13
N ASP A 368 0.09 -8.14 -7.19
CA ASP A 368 -0.77 -9.34 -7.12
C ASP A 368 -0.44 -10.07 -5.84
N ASP A 369 -1.33 -10.96 -5.44
CA ASP A 369 -1.42 -11.44 -4.04
C ASP A 369 -1.01 -12.92 -4.00
N TYR A 370 0.25 -13.16 -3.60
CA TYR A 370 0.89 -14.49 -3.47
C TYR A 370 0.40 -15.18 -2.21
N CYS A 371 -0.49 -14.57 -1.42
N CYS A 371 -0.45 -14.53 -1.39
CA CYS A 371 -1.05 -15.18 -0.21
CA CYS A 371 -1.06 -15.11 -0.17
C CYS A 371 -2.51 -15.62 -0.42
C CYS A 371 -2.49 -15.61 -0.43
N ALA A 372 -3.38 -14.79 -1.01
CA ALA A 372 -4.84 -15.07 -1.07
C ALA A 372 -5.47 -14.66 -2.40
N ASN A 373 -4.68 -14.43 -3.44
CA ASN A 373 -5.15 -14.18 -4.82
C ASN A 373 -6.08 -12.96 -4.92
N MET A 374 -6.06 -12.04 -3.93
CA MET A 374 -6.87 -10.80 -3.94
C MET A 374 -8.35 -11.14 -3.81
N LEU A 375 -8.68 -12.35 -3.37
CA LEU A 375 -10.09 -12.77 -3.34
C LEU A 375 -10.82 -11.94 -2.28
N TRP A 376 -10.11 -11.53 -1.22
CA TRP A 376 -10.67 -10.70 -0.14
C TRP A 376 -11.19 -9.36 -0.72
N LEU A 377 -10.62 -8.90 -1.81
CA LEU A 377 -10.98 -7.59 -2.38
C LEU A 377 -12.11 -7.77 -3.38
N ASP A 378 -12.02 -8.79 -4.24
CA ASP A 378 -12.85 -8.76 -5.47
C ASP A 378 -13.63 -10.06 -5.73
N SER A 379 -13.71 -10.97 -4.77
CA SER A 379 -14.36 -12.27 -5.00
C SER A 379 -15.16 -12.66 -3.76
N THR A 380 -15.41 -13.94 -3.61
CA THR A 380 -16.07 -14.56 -2.43
C THR A 380 -14.97 -15.04 -1.49
N TYR A 381 -15.00 -14.57 -0.24
CA TYR A 381 -13.91 -14.84 0.73
C TYR A 381 -14.51 -14.95 2.12
N PRO A 382 -14.21 -16.05 2.86
CA PRO A 382 -13.56 -17.25 2.32
C PRO A 382 -14.36 -17.95 1.21
N THR A 383 -13.70 -18.81 0.40
CA THR A 383 -14.19 -19.28 -0.94
C THR A 383 -15.37 -20.26 -0.78
N ASN A 384 -15.47 -20.92 0.38
CA ASN A 384 -16.53 -21.90 0.73
C ASN A 384 -17.87 -21.20 1.04
N GLU A 385 -17.87 -19.88 1.34
CA GLU A 385 -19.09 -19.09 1.68
C GLU A 385 -19.88 -18.77 0.41
N THR A 386 -21.04 -18.11 0.53
CA THR A 386 -22.01 -17.83 -0.57
C THR A 386 -22.48 -16.38 -0.47
N SER A 387 -23.17 -15.84 -1.48
CA SER A 387 -23.76 -14.48 -1.40
C SER A 387 -24.91 -14.50 -0.39
N SER A 388 -25.34 -15.69 0.00
CA SER A 388 -26.31 -15.90 1.11
C SER A 388 -25.68 -15.52 2.45
N THR A 389 -24.34 -15.56 2.57
CA THR A 389 -23.57 -15.15 3.78
C THR A 389 -23.20 -13.68 3.65
N PRO A 390 -23.80 -12.79 4.47
CA PRO A 390 -23.49 -11.36 4.37
C PRO A 390 -21.99 -11.02 4.53
N GLY A 391 -21.46 -10.26 3.57
CA GLY A 391 -20.05 -9.81 3.58
C GLY A 391 -19.10 -10.83 2.97
N ALA A 392 -19.54 -12.04 2.66
CA ALA A 392 -18.64 -13.02 1.99
C ALA A 392 -18.25 -12.51 0.59
N VAL A 393 -19.16 -11.89 -0.15
CA VAL A 393 -18.94 -11.54 -1.58
C VAL A 393 -18.49 -10.08 -1.70
N ARG A 394 -17.24 -9.85 -2.10
CA ARG A 394 -16.65 -8.49 -2.16
C ARG A 394 -16.58 -7.97 -3.59
N GLY A 395 -16.82 -8.85 -4.56
CA GLY A 395 -16.89 -8.51 -5.98
C GLY A 395 -17.31 -9.70 -6.81
N SER A 396 -17.31 -9.52 -8.12
CA SER A 396 -17.91 -10.44 -9.10
C SER A 396 -16.85 -11.42 -9.61
N CYS A 397 -15.61 -11.28 -9.17
CA CYS A 397 -14.52 -12.13 -9.71
C CYS A 397 -14.70 -13.57 -9.27
N SER A 398 -14.31 -14.50 -10.12
CA SER A 398 -14.39 -15.95 -9.83
C SER A 398 -13.48 -16.33 -8.66
N THR A 399 -13.86 -17.35 -7.87
CA THR A 399 -13.00 -17.80 -6.75
C THR A 399 -11.68 -18.42 -7.25
N SER A 400 -11.54 -18.77 -8.53
CA SER A 400 -10.29 -19.32 -9.13
C SER A 400 -9.44 -18.19 -9.74
N SER A 401 -9.87 -16.94 -9.61
CA SER A 401 -9.18 -15.77 -10.21
C SER A 401 -7.95 -15.40 -9.38
N GLY A 402 -7.06 -14.62 -9.97
CA GLY A 402 -6.04 -13.87 -9.19
C GLY A 402 -4.83 -14.68 -8.80
N VAL A 403 -4.68 -15.93 -9.28
CA VAL A 403 -3.40 -16.69 -9.05
C VAL A 403 -2.27 -15.94 -9.73
N PRO A 404 -1.25 -15.50 -8.97
CA PRO A 404 -0.21 -14.67 -9.56
C PRO A 404 0.36 -15.18 -10.89
N ALA A 405 0.79 -16.45 -10.95
CA ALA A 405 1.42 -16.98 -12.18
C ALA A 405 0.44 -16.82 -13.35
N GLN A 406 -0.86 -17.00 -13.11
CA GLN A 406 -1.90 -16.90 -14.14
C GLN A 406 -2.08 -15.44 -14.56
N VAL A 407 -2.32 -14.55 -13.62
CA VAL A 407 -2.62 -13.16 -14.01
C VAL A 407 -1.38 -12.53 -14.62
N GLU A 408 -0.17 -12.92 -14.18
CA GLU A 408 1.07 -12.38 -14.80
C GLU A 408 1.17 -12.81 -16.28
N SER A 409 0.73 -14.02 -16.62
N SER A 409 0.73 -14.03 -16.59
CA SER A 409 0.77 -14.54 -18.01
CA SER A 409 0.70 -14.61 -17.97
C SER A 409 -0.38 -13.93 -18.83
C SER A 409 -0.38 -13.91 -18.82
N GLN A 410 -1.58 -13.82 -18.25
CA GLN A 410 -2.81 -13.32 -18.90
C GLN A 410 -2.68 -11.82 -19.20
N SER A 411 -2.24 -11.04 -18.19
CA SER A 411 -2.40 -9.56 -18.22
C SER A 411 -1.10 -8.84 -17.90
N PRO A 412 0.02 -9.15 -18.55
CA PRO A 412 1.29 -8.49 -18.18
C PRO A 412 1.27 -6.98 -18.41
N ASN A 413 0.42 -6.50 -19.34
CA ASN A 413 0.36 -5.07 -19.68
C ASN A 413 -0.68 -4.35 -18.82
N ALA A 414 -1.22 -5.02 -17.82
CA ALA A 414 -2.08 -4.33 -16.83
C ALA A 414 -1.26 -3.17 -16.26
N LYS A 415 -1.96 -2.14 -15.85
CA LYS A 415 -1.31 -0.96 -15.23
CA LYS A 415 -1.32 -0.96 -15.25
C LYS A 415 -2.34 -0.16 -14.44
N VAL A 416 -1.84 0.68 -13.56
CA VAL A 416 -2.64 1.67 -12.83
C VAL A 416 -2.03 3.02 -13.12
N THR A 417 -2.89 4.02 -13.27
CA THR A 417 -2.41 5.41 -13.37
C THR A 417 -3.07 6.22 -12.27
N PHE A 418 -2.23 6.80 -11.40
CA PHE A 418 -2.65 7.74 -10.34
C PHE A 418 -2.25 9.15 -10.75
N SER A 419 -3.15 10.10 -10.57
CA SER A 419 -2.83 11.45 -11.05
C SER A 419 -3.54 12.52 -10.24
N ASN A 420 -3.07 13.76 -10.38
CA ASN A 420 -3.77 14.95 -9.85
C ASN A 420 -4.03 14.80 -8.35
N ILE A 421 -2.99 14.53 -7.59
CA ILE A 421 -3.08 14.47 -6.11
C ILE A 421 -3.28 15.88 -5.58
N LYS A 422 -4.27 16.00 -4.70
CA LYS A 422 -4.54 17.29 -4.02
C LYS A 422 -4.78 17.02 -2.55
N PHE A 423 -4.24 17.89 -1.72
CA PHE A 423 -4.29 17.69 -0.26
C PHE A 423 -4.54 19.03 0.39
N GLY A 424 -5.48 19.06 1.32
CA GLY A 424 -5.63 20.26 2.14
C GLY A 424 -6.75 20.04 3.13
N PRO A 425 -7.12 21.10 3.85
CA PRO A 425 -8.22 20.92 4.80
C PRO A 425 -9.50 20.43 4.16
N ILE A 426 -10.32 19.73 4.96
CA ILE A 426 -11.62 19.28 4.45
C ILE A 426 -12.35 20.45 3.79
N GLY A 427 -12.82 20.18 2.57
CA GLY A 427 -13.59 21.17 1.78
C GLY A 427 -12.77 21.94 0.79
N SER A 428 -11.44 21.78 0.79
CA SER A 428 -10.51 22.65 0.02
C SER A 428 -10.14 22.10 -1.34
N THR A 429 -10.23 20.81 -1.58
CA THR A 429 -9.53 20.22 -2.76
C THR A 429 -10.35 20.32 -4.03
N GLY A 430 -11.60 20.78 -3.95
CA GLY A 430 -12.36 21.24 -5.15
C GLY A 430 -11.92 22.63 -5.62
N ASN A 431 -10.99 23.32 -4.94
CA ASN A 431 -10.59 24.72 -5.28
C ASN A 431 -9.82 24.70 -6.60
N PRO A 432 -9.77 25.82 -7.37
CA PRO A 432 -9.15 25.82 -8.70
C PRO A 432 -7.62 25.62 -8.68
CO CO B . -23.48 4.71 18.78
CO CO C . -22.06 6.03 -16.12
CO CO D . 6.36 -21.05 10.83
CO CO E . 14.74 -11.01 17.16
C1 NAG F . -26.21 1.97 -4.72
C2 NAG F . -27.73 2.00 -4.43
C3 NAG F . -28.37 2.91 -5.47
C4 NAG F . -27.70 4.28 -5.45
C5 NAG F . -26.18 4.18 -5.65
C6 NAG F . -25.49 5.52 -5.44
C7 NAG F . -28.55 -0.05 -3.28
C8 NAG F . -29.15 -1.42 -3.43
N2 NAG F . -28.33 0.63 -4.45
O3 NAG F . -29.72 3.07 -5.03
O4 NAG F . -28.22 5.08 -6.49
O5 NAG F . -25.71 3.27 -4.69
O6 NAG F . -25.75 6.01 -4.12
O7 NAG F . -28.29 0.36 -2.15
CO CO G . -2.18 -4.62 2.45
#